data_7U3V
#
_entry.id   7U3V
#
_cell.length_a   67.750
_cell.length_b   68.838
_cell.length_c   132.117
_cell.angle_alpha   77.865
_cell.angle_beta   78.361
_cell.angle_gamma   83.261
#
_symmetry.space_group_name_H-M   'P 1'
#
loop_
_entity.id
_entity.type
_entity.pdbx_description
1 polymer 'DNA (42-MER)'
2 polymer "DNA (5'-D(*TP*CP*TP*GP*AP*TP*GP*TP*GP*GP*TP*AP*GP*G)-3')"
3 polymer 'DNA (35-MER)'
4 polymer "DNA (5'-D(*CP*AP*CP*GP*AP*GP*CP*CP*TP*GP*AP*TP*CP*GP*GP*AP*CP*AP*AP*GP*A)-3')"
5 polymer "DNA (5'-D(*TP*GP*TP*CP*TP*TP*GP*TP*GP*GP*TP*CP*GP*C)-3')"
6 polymer "DNA (5'-D(*GP*AP*GP*CP*GP*AP*CP*CP*TP*GP*TP*AP*CP*GP*GP*AP*CP*AP*TP*CP*A)-3')"
7 polymer "DNA (5'-D(*TP*AP*CP*AP*CP*CP*GP*AP*TP*CP*AP*CP*CP*TP*GP*CP*CP*AP*CP*CP*G)-3')"
#
loop_
_entity_poly.entity_id
_entity_poly.type
_entity_poly.pdbx_seq_one_letter_code
_entity_poly.pdbx_strand_id
1 'polydeoxyribonucleotide'
;(DA)(DA)(DC)(DC)(DT)(DA)(DC)(DC)(DT)(DG)(DG)(DC)(DA)(DG)(DG)(DA)(DC)(DG)(DA)(DC)
(DT)(DC)(DT)(DC)(DT)(DG)(DC)(DA)(DC)(DT)(DA)(DC)(DT)(DA)(DC)(DG)(DT)(DC)(DA)(DG)
(DC)(DA)
;
A
2 'polydeoxyribonucleotide' (DT)(DC)(DT)(DG)(DA)(DT)(DG)(DT)(DG)(DG)(DT)(DA)(DG)(DG) E
3 'polydeoxyribonucleotide'
;(DT)(DT)(DT)(DG)(DC)(DT)(DG)(DA)(DC)(DG)(DT)(DA)(DG)(DT)(DA)(DG)(DT)(DG)(DC)(DA)
(DG)(DA)(DG)(DA)(DG)(DT)(DC)(DG)(DT)(DG)(DG)(DC)(DT)(DC)(DG)
;
D
4 'polydeoxyribonucleotide'
;(DC)(DA)(DC)(DG)(DA)(DG)(DC)(DC)(DT)(DG)(DA)(DT)(DC)(DG)(DG)(DA)(DC)(DA)(DA)(DG)
(DA)
;
B
5 'polydeoxyribonucleotide' (DT)(DG)(DT)(DC)(DT)(DT)(DG)(DT)(DG)(DG)(DT)(DC)(DG)(DC) F
6 'polydeoxyribonucleotide'
;(DG)(DA)(DG)(DC)(DG)(DA)(DC)(DC)(DT)(DG)(DT)(DA)(DC)(DG)(DG)(DA)(DC)(DA)(DT)(DC)
(DA)
;
C
7 'polydeoxyribonucleotide'
;(DT)(DA)(DC)(DA)(DC)(DC)(DG)(DA)(DT)(DC)(DA)(DC)(DC)(DT)(DG)(DC)(DC)(DA)(DC)(DC)
(DG)
;
M
#
loop_
_chem_comp.id
_chem_comp.type
_chem_comp.name
_chem_comp.formula
DA DNA linking 2'-DEOXYADENOSINE-5'-MONOPHOSPHATE 'C10 H14 N5 O6 P'
DC DNA linking 2'-DEOXYCYTIDINE-5'-MONOPHOSPHATE 'C9 H14 N3 O7 P'
DG DNA linking 2'-DEOXYGUANOSINE-5'-MONOPHOSPHATE 'C10 H14 N5 O7 P'
DT DNA linking THYMIDINE-5'-MONOPHOSPHATE 'C10 H15 N2 O8 P'
#